data_5ICM
#
_entry.id   5ICM
#
_cell.length_a   91.662
_cell.length_b   91.662
_cell.length_c   133.909
_cell.angle_alpha   90.00
_cell.angle_beta   90.00
_cell.angle_gamma   90.00
#
_symmetry.space_group_name_H-M   'I 4 2 2'
#
loop_
_entity.id
_entity.type
_entity.pdbx_description
1 polymer '17-beta-hydroxysteroid dehydrogenase 14'
2 non-polymer NICOTINAMIDE-ADENINE-DINUCLEOTIDE
3 non-polymer 'SODIUM ION'
4 non-polymer [6-(3,4-dihydroxyphenyl)pyridin-2-yl](4-fluoro-3-hydroxyphenyl)methanone
5 non-polymer alpha-D-glucopyranose
6 water water
#
_entity_poly.entity_id   1
_entity_poly.type   'polypeptide(L)'
_entity_poly.pdbx_seq_one_letter_code
;GHMATGTRYAGKVVVVTGGGRGIGAGIVRAFVNSGARVVICDKDESGGRALEQELPGAVFILCDVTQEDDVKTLVSETIR
RFGRLDCVVNNAGHHPPPQRPEETSAQGFRQLLELNLLGTYTLTKLALPYLRKSQGNVINISSLVGAIGQAQAVPYVATK
GAVTAMTKALALDESPYGVRVNCISPGNIWTPLWEELAALMPDPRATIREGMLAQPLGRMGQPAEVGAAAVFLASEANFC
TGIELLVTGGAELGYGCKASRSTPVDAPDIPSGS
;
_entity_poly.pdbx_strand_id   A
#
# COMPACT_ATOMS: atom_id res chain seq x y z
N THR A 7 -18.92 8.15 -10.17
CA THR A 7 -19.17 9.21 -9.20
C THR A 7 -19.23 8.74 -7.74
N ARG A 8 -18.79 7.50 -7.47
CA ARG A 8 -18.79 6.96 -6.11
C ARG A 8 -17.96 7.81 -5.15
N TYR A 9 -16.95 8.51 -5.65
CA TYR A 9 -16.07 9.29 -4.77
C TYR A 9 -15.80 10.65 -5.41
N ALA A 10 -16.83 11.19 -6.05
CA ALA A 10 -16.74 12.48 -6.71
C ALA A 10 -16.57 13.61 -5.69
N GLY A 11 -15.79 14.61 -6.09
CA GLY A 11 -15.52 15.76 -5.24
C GLY A 11 -14.47 15.53 -4.18
N LYS A 12 -13.90 14.33 -4.10
CA LYS A 12 -12.94 13.95 -3.07
C LYS A 12 -11.51 14.06 -3.60
N VAL A 13 -10.57 14.20 -2.66
CA VAL A 13 -9.15 14.34 -2.95
C VAL A 13 -8.37 13.22 -2.26
N VAL A 14 -7.57 12.48 -3.02
CA VAL A 14 -6.89 11.29 -2.55
C VAL A 14 -5.40 11.43 -2.83
N VAL A 15 -4.57 11.08 -1.83
CA VAL A 15 -3.12 10.97 -2.03
C VAL A 15 -2.76 9.48 -2.02
N VAL A 16 -2.02 9.03 -3.03
CA VAL A 16 -1.53 7.65 -3.10
C VAL A 16 -0.01 7.68 -3.12
N THR A 17 0.62 7.11 -2.10
CA THR A 17 2.07 7.04 -2.12
C THR A 17 2.54 5.83 -2.91
N GLY A 18 3.74 5.95 -3.47
CA GLY A 18 4.21 4.93 -4.41
C GLY A 18 3.25 4.68 -5.56
N GLY A 19 2.62 5.74 -6.06
CA GLY A 19 1.59 5.63 -7.09
C GLY A 19 2.07 5.56 -8.52
N GLY A 20 3.38 5.49 -8.75
CA GLY A 20 3.87 5.58 -10.11
C GLY A 20 3.86 4.29 -10.90
N ARG A 21 3.73 3.14 -10.22
CA ARG A 21 3.71 1.85 -10.90
C ARG A 21 3.10 0.85 -9.93
N GLY A 22 2.88 -0.37 -10.43
CA GLY A 22 2.48 -1.47 -9.56
C GLY A 22 1.12 -1.27 -8.93
N ILE A 23 0.98 -1.74 -7.68
CA ILE A 23 -0.27 -1.64 -6.95
C ILE A 23 -0.70 -0.17 -6.85
N GLY A 24 0.25 0.71 -6.53
CA GLY A 24 -0.08 2.11 -6.36
C GLY A 24 -0.70 2.70 -7.61
N ALA A 25 -0.15 2.39 -8.78
CA ALA A 25 -0.74 2.90 -10.02
C ALA A 25 -2.16 2.35 -10.22
N GLY A 26 -2.38 1.09 -9.85
CA GLY A 26 -3.74 0.54 -9.94
C GLY A 26 -4.71 1.26 -9.04
N ILE A 27 -4.24 1.63 -7.84
CA ILE A 27 -5.09 2.38 -6.92
C ILE A 27 -5.38 3.77 -7.48
N VAL A 28 -4.35 4.45 -8.01
CA VAL A 28 -4.58 5.75 -8.65
C VAL A 28 -5.68 5.63 -9.69
N ARG A 29 -5.57 4.65 -10.56
CA ARG A 29 -6.54 4.54 -11.65
C ARG A 29 -7.93 4.29 -11.11
N ALA A 30 -8.04 3.48 -10.06
CA ALA A 30 -9.34 3.16 -9.51
C ALA A 30 -10.00 4.40 -8.91
N PHE A 31 -9.23 5.23 -8.23
CA PHE A 31 -9.80 6.45 -7.64
C PHE A 31 -10.16 7.46 -8.70
N VAL A 32 -9.32 7.62 -9.74
CA VAL A 32 -9.70 8.50 -10.84
C VAL A 32 -11.01 8.04 -11.47
N ASN A 33 -11.13 6.73 -11.70
CA ASN A 33 -12.35 6.18 -12.29
C ASN A 33 -13.57 6.40 -11.41
N SER A 34 -13.37 6.57 -10.10
N SER A 34 -13.37 6.57 -10.10
CA SER A 34 -14.51 6.80 -9.22
CA SER A 34 -14.45 6.80 -9.16
C SER A 34 -14.92 8.26 -9.16
C SER A 34 -14.81 8.27 -9.03
N GLY A 35 -14.17 9.15 -9.80
CA GLY A 35 -14.49 10.58 -9.80
C GLY A 35 -13.62 11.44 -8.92
N ALA A 36 -12.64 10.86 -8.22
CA ALA A 36 -11.79 11.61 -7.32
C ALA A 36 -10.67 12.32 -8.09
N ARG A 37 -10.13 13.37 -7.47
CA ARG A 37 -8.84 13.91 -7.85
C ARG A 37 -7.73 13.24 -7.05
N VAL A 38 -6.65 12.86 -7.72
CA VAL A 38 -5.64 12.03 -7.11
C VAL A 38 -4.29 12.73 -7.22
N VAL A 39 -3.58 12.74 -6.10
CA VAL A 39 -2.18 13.17 -6.05
C VAL A 39 -1.33 11.91 -6.00
N ILE A 40 -0.52 11.74 -7.04
CA ILE A 40 0.40 10.64 -7.16
C ILE A 40 1.70 11.05 -6.51
N CYS A 41 2.07 10.39 -5.42
CA CYS A 41 3.36 10.59 -4.77
C CYS A 41 4.27 9.44 -5.15
N ASP A 42 5.50 9.77 -5.56
CA ASP A 42 6.48 8.73 -5.80
C ASP A 42 7.87 9.35 -5.69
N LYS A 43 8.85 8.54 -5.31
CA LYS A 43 10.24 9.01 -5.28
C LYS A 43 10.87 9.01 -6.65
N ASP A 44 10.26 8.30 -7.62
N ASP A 44 10.28 8.32 -7.63
CA ASP A 44 10.71 8.20 -9.00
CA ASP A 44 10.82 8.28 -8.98
C ASP A 44 9.79 9.03 -9.89
C ASP A 44 9.83 8.90 -9.97
N GLU A 45 10.37 9.72 -10.88
CA GLU A 45 9.54 10.54 -11.77
C GLU A 45 8.94 9.74 -12.93
N SER A 46 9.61 8.69 -13.39
CA SER A 46 9.31 8.11 -14.70
C SER A 46 7.84 7.70 -14.81
N GLY A 47 7.40 6.80 -13.95
CA GLY A 47 6.05 6.27 -14.05
C GLY A 47 4.98 7.29 -13.67
N GLY A 48 5.21 8.01 -12.57
CA GLY A 48 4.18 8.91 -12.09
C GLY A 48 3.94 10.09 -12.99
N ARG A 49 4.99 10.61 -13.62
CA ARG A 49 4.80 11.71 -14.57
C ARG A 49 4.00 11.27 -15.80
N ALA A 50 4.26 10.07 -16.31
CA ALA A 50 3.48 9.56 -17.43
C ALA A 50 2.02 9.38 -17.03
N LEU A 51 1.78 8.87 -15.82
CA LEU A 51 0.42 8.69 -15.34
C LEU A 51 -0.33 10.01 -15.29
N GLU A 52 0.33 11.07 -14.83
CA GLU A 52 -0.30 12.40 -14.80
C GLU A 52 -0.70 12.86 -16.19
N GLN A 53 0.14 12.62 -17.19
CA GLN A 53 -0.22 13.00 -18.56
C GLN A 53 -1.38 12.17 -19.07
N GLU A 54 -1.44 10.91 -18.66
CA GLU A 54 -2.46 10.00 -19.15
C GLU A 54 -3.83 10.29 -18.54
N LEU A 55 -3.88 10.57 -17.22
CA LEU A 55 -5.14 10.61 -16.47
C LEU A 55 -5.53 12.04 -16.14
N PRO A 56 -6.55 12.60 -16.77
CA PRO A 56 -7.15 13.82 -16.24
C PRO A 56 -7.65 13.56 -14.83
N GLY A 57 -7.38 14.48 -13.95
CA GLY A 57 -7.73 14.28 -12.57
C GLY A 57 -6.62 13.77 -11.68
N ALA A 58 -5.51 13.30 -12.25
CA ALA A 58 -4.35 12.89 -11.47
C ALA A 58 -3.20 13.87 -11.73
N VAL A 59 -2.47 14.21 -10.66
CA VAL A 59 -1.25 15.01 -10.76
C VAL A 59 -0.14 14.32 -9.99
N PHE A 60 1.09 14.56 -10.42
CA PHE A 60 2.27 13.95 -9.84
C PHE A 60 3.03 14.93 -8.97
N ILE A 61 3.41 14.50 -7.76
CA ILE A 61 4.29 15.25 -6.87
C ILE A 61 5.44 14.35 -6.44
N LEU A 62 6.67 14.76 -6.75
CA LEU A 62 7.85 14.01 -6.35
C LEU A 62 8.00 14.09 -4.84
N CYS A 63 8.09 12.92 -4.19
CA CYS A 63 8.12 12.89 -2.74
C CYS A 63 8.63 11.53 -2.30
N ASP A 64 9.70 11.55 -1.52
CA ASP A 64 10.23 10.36 -0.86
C ASP A 64 9.64 10.32 0.54
N VAL A 65 8.79 9.32 0.83
CA VAL A 65 8.09 9.28 2.10
C VAL A 65 9.01 9.12 3.29
N THR A 66 10.30 8.79 3.09
CA THR A 66 11.23 8.69 4.21
C THR A 66 11.81 10.04 4.60
N GLN A 67 11.49 11.09 3.86
CA GLN A 67 12.07 12.41 4.07
C GLN A 67 10.96 13.31 4.58
N GLU A 68 11.05 13.71 5.86
CA GLU A 68 9.92 14.38 6.50
C GLU A 68 9.55 15.67 5.78
N ASP A 69 10.54 16.43 5.31
CA ASP A 69 10.21 17.68 4.65
C ASP A 69 9.54 17.46 3.29
N ASP A 70 9.87 16.34 2.61
CA ASP A 70 9.17 15.94 1.39
C ASP A 70 7.70 15.72 1.68
N VAL A 71 7.40 15.02 2.78
CA VAL A 71 6.02 14.71 3.09
C VAL A 71 5.26 15.97 3.51
N LYS A 72 5.90 16.84 4.31
CA LYS A 72 5.28 18.09 4.68
C LYS A 72 4.86 18.87 3.43
N THR A 73 5.74 18.93 2.44
CA THR A 73 5.43 19.62 1.18
C THR A 73 4.32 18.91 0.41
N LEU A 74 4.34 17.57 0.40
CA LEU A 74 3.25 16.84 -0.25
C LEU A 74 1.89 17.26 0.30
N VAL A 75 1.76 17.31 1.63
CA VAL A 75 0.47 17.65 2.21
C VAL A 75 0.12 19.11 1.92
N SER A 76 1.08 20.02 2.09
CA SER A 76 0.73 21.44 1.93
C SER A 76 0.39 21.75 0.48
N GLU A 77 1.09 21.10 -0.46
CA GLU A 77 0.80 21.29 -1.87
C GLU A 77 -0.56 20.69 -2.25
N THR A 78 -0.94 19.56 -1.65
CA THR A 78 -2.25 18.99 -1.94
C THR A 78 -3.35 19.94 -1.50
N ILE A 79 -3.20 20.50 -0.29
CA ILE A 79 -4.20 21.44 0.21
C ILE A 79 -4.19 22.74 -0.61
N ARG A 80 -3.00 23.22 -0.96
CA ARG A 80 -2.93 24.46 -1.75
C ARG A 80 -3.62 24.30 -3.10
N ARG A 81 -3.44 23.16 -3.75
CA ARG A 81 -3.93 22.96 -5.11
C ARG A 81 -5.40 22.53 -5.16
N PHE A 82 -5.88 21.80 -4.15
CA PHE A 82 -7.19 21.17 -4.23
C PHE A 82 -8.15 21.51 -3.09
N GLY A 83 -7.69 22.14 -2.03
CA GLY A 83 -8.58 22.71 -1.03
C GLY A 83 -9.10 21.77 0.04
N ARG A 84 -8.73 20.49 0.01
CA ARG A 84 -9.25 19.51 0.93
C ARG A 84 -8.43 18.23 0.77
N LEU A 85 -8.59 17.32 1.73
CA LEU A 85 -7.93 16.00 1.65
C LEU A 85 -8.85 14.99 2.32
N ASP A 86 -9.28 13.99 1.56
CA ASP A 86 -10.25 12.99 2.02
C ASP A 86 -9.69 11.60 2.30
N CYS A 87 -8.61 11.20 1.63
CA CYS A 87 -8.12 9.83 1.80
C CYS A 87 -6.62 9.82 1.54
N VAL A 88 -5.89 9.12 2.41
CA VAL A 88 -4.47 8.85 2.21
C VAL A 88 -4.29 7.35 2.08
N VAL A 89 -3.64 6.92 0.98
CA VAL A 89 -3.37 5.52 0.73
C VAL A 89 -1.87 5.34 0.86
N ASN A 90 -1.42 4.68 1.94
CA ASN A 90 0.01 4.50 2.20
C ASN A 90 0.41 3.18 1.54
N ASN A 91 0.82 3.25 0.28
CA ASN A 91 1.20 2.08 -0.52
C ASN A 91 2.71 1.95 -0.69
N ALA A 92 3.46 3.06 -0.68
CA ALA A 92 4.92 2.98 -0.88
C ALA A 92 5.55 1.99 0.08
N GLY A 93 6.39 1.11 -0.45
CA GLY A 93 7.01 0.06 0.33
C GLY A 93 7.87 -0.78 -0.58
N HIS A 94 8.64 -1.68 0.04
CA HIS A 94 9.56 -2.51 -0.73
C HIS A 94 9.74 -3.87 -0.07
N HIS A 95 9.92 -4.90 -0.90
CA HIS A 95 10.36 -6.22 -0.43
C HIS A 95 11.80 -6.45 -0.88
N PRO A 96 12.75 -6.63 0.04
CA PRO A 96 14.12 -6.96 -0.36
C PRO A 96 14.19 -8.33 -0.99
N PRO A 97 15.30 -8.67 -1.62
CA PRO A 97 15.46 -10.03 -2.11
C PRO A 97 15.40 -11.00 -0.94
N PRO A 98 15.08 -12.26 -1.22
CA PRO A 98 15.09 -13.27 -0.16
C PRO A 98 16.41 -13.27 0.60
N GLN A 99 16.33 -13.34 1.92
CA GLN A 99 17.52 -13.23 2.75
C GLN A 99 17.34 -14.13 3.96
N ARG A 100 18.30 -15.05 4.15
CA ARG A 100 18.34 -15.90 5.33
C ARG A 100 18.50 -15.01 6.56
N PRO A 101 17.98 -15.46 7.71
CA PRO A 101 18.08 -14.61 8.91
C PRO A 101 19.49 -14.14 9.21
N GLU A 102 20.48 -15.04 9.06
CA GLU A 102 21.84 -14.65 9.42
C GLU A 102 22.47 -13.72 8.41
N GLU A 103 21.86 -13.54 7.24
CA GLU A 103 22.35 -12.60 6.24
C GLU A 103 21.75 -11.21 6.38
N THR A 104 20.73 -11.03 7.22
CA THR A 104 20.16 -9.72 7.47
C THR A 104 21.04 -8.95 8.47
N SER A 105 20.85 -7.64 8.50
CA SER A 105 21.55 -6.76 9.42
C SER A 105 20.56 -5.84 10.12
N ALA A 106 20.91 -5.43 11.34
CA ALA A 106 20.13 -4.39 12.00
C ALA A 106 20.04 -3.15 11.13
N GLN A 107 21.11 -2.84 10.38
CA GLN A 107 21.11 -1.65 9.52
C GLN A 107 20.06 -1.76 8.43
N GLY A 108 20.05 -2.86 7.68
CA GLY A 108 19.03 -3.03 6.65
C GLY A 108 17.64 -3.06 7.21
N PHE A 109 17.50 -3.66 8.40
CA PHE A 109 16.21 -3.72 9.08
C PHE A 109 15.70 -2.31 9.39
N ARG A 110 16.57 -1.45 9.93
CA ARG A 110 16.20 -0.07 10.22
C ARG A 110 15.78 0.67 8.96
N GLN A 111 16.52 0.46 7.86
CA GLN A 111 16.20 1.15 6.61
C GLN A 111 14.84 0.70 6.09
N LEU A 112 14.52 -0.59 6.22
CA LEU A 112 13.23 -1.08 5.73
C LEU A 112 12.09 -0.58 6.62
N LEU A 113 12.31 -0.50 7.93
CA LEU A 113 11.33 0.13 8.81
C LEU A 113 11.08 1.60 8.43
N GLU A 114 12.13 2.33 8.06
CA GLU A 114 11.94 3.73 7.63
C GLU A 114 10.95 3.85 6.49
N LEU A 115 11.04 2.96 5.49
CA LEU A 115 10.12 3.04 4.36
C LEU A 115 8.75 2.45 4.70
N ASN A 116 8.72 1.16 5.03
CA ASN A 116 7.48 0.42 5.07
C ASN A 116 6.60 0.84 6.24
N LEU A 117 7.21 1.27 7.35
CA LEU A 117 6.45 1.62 8.56
C LEU A 117 6.47 3.11 8.85
N LEU A 118 7.64 3.73 8.98
CA LEU A 118 7.67 5.12 9.42
C LEU A 118 7.22 6.11 8.34
N GLY A 119 7.37 5.78 7.06
CA GLY A 119 6.84 6.67 6.03
C GLY A 119 5.33 6.71 6.06
N THR A 120 4.71 5.57 6.31
CA THR A 120 3.27 5.52 6.52
C THR A 120 2.86 6.30 7.76
N TYR A 121 3.61 6.14 8.86
CA TYR A 121 3.33 6.91 10.07
C TYR A 121 3.41 8.42 9.81
N THR A 122 4.44 8.86 9.08
CA THR A 122 4.68 10.29 8.93
C THR A 122 3.60 10.96 8.10
N LEU A 123 3.28 10.37 6.94
CA LEU A 123 2.25 10.97 6.11
C LEU A 123 0.92 10.99 6.85
N THR A 124 0.58 9.88 7.51
CA THR A 124 -0.68 9.82 8.23
C THR A 124 -0.76 10.94 9.27
N LYS A 125 0.30 11.10 10.07
CA LYS A 125 0.33 12.16 11.07
C LYS A 125 0.08 13.55 10.46
N LEU A 126 0.78 13.87 9.37
CA LEU A 126 0.66 15.19 8.80
C LEU A 126 -0.69 15.40 8.13
N ALA A 127 -1.29 14.32 7.63
CA ALA A 127 -2.57 14.43 6.96
C ALA A 127 -3.76 14.47 7.93
N LEU A 128 -3.61 13.94 9.14
CA LEU A 128 -4.79 13.70 9.96
C LEU A 128 -5.56 14.98 10.31
N PRO A 129 -4.93 16.14 10.52
CA PRO A 129 -5.76 17.34 10.79
C PRO A 129 -6.73 17.65 9.66
N TYR A 130 -6.33 17.43 8.42
CA TYR A 130 -7.19 17.68 7.27
C TYR A 130 -8.23 16.57 7.10
N LEU A 131 -7.84 15.33 7.38
CA LEU A 131 -8.80 14.22 7.34
C LEU A 131 -9.89 14.40 8.40
N ARG A 132 -9.53 14.94 9.57
CA ARG A 132 -10.54 15.22 10.57
C ARG A 132 -11.57 16.22 10.03
N LYS A 133 -11.11 17.27 9.33
CA LYS A 133 -12.04 18.28 8.82
C LYS A 133 -13.02 17.71 7.80
N SER A 134 -12.56 16.75 6.99
CA SER A 134 -13.32 16.13 5.92
C SER A 134 -14.03 14.84 6.32
N GLN A 135 -13.86 14.37 7.57
CA GLN A 135 -14.27 13.03 7.99
C GLN A 135 -13.77 11.99 7.00
N GLY A 136 -12.48 12.10 6.63
CA GLY A 136 -11.86 11.25 5.65
C GLY A 136 -11.36 9.97 6.28
N ASN A 137 -10.44 9.31 5.57
CA ASN A 137 -9.98 8.01 6.04
C ASN A 137 -8.58 7.71 5.54
N VAL A 138 -7.97 6.71 6.21
CA VAL A 138 -6.63 6.21 5.94
C VAL A 138 -6.73 4.77 5.49
N ILE A 139 -5.98 4.41 4.44
CA ILE A 139 -5.89 3.06 3.92
C ILE A 139 -4.40 2.73 3.84
N ASN A 140 -3.97 1.77 4.65
CA ASN A 140 -2.60 1.29 4.59
C ASN A 140 -2.51 -0.02 3.81
N ILE A 141 -1.48 -0.13 2.97
CA ILE A 141 -1.22 -1.36 2.21
C ILE A 141 -0.20 -2.16 3.01
N SER A 142 -0.66 -3.21 3.64
CA SER A 142 0.18 -4.08 4.45
C SER A 142 0.57 -5.29 3.61
N SER A 143 0.45 -6.52 4.11
CA SER A 143 0.69 -7.75 3.36
C SER A 143 0.13 -8.91 4.14
N LEU A 144 -0.35 -9.91 3.41
CA LEU A 144 -0.72 -11.18 4.01
C LEU A 144 0.40 -11.74 4.90
N VAL A 145 1.66 -11.58 4.47
CA VAL A 145 2.73 -12.25 5.20
C VAL A 145 2.98 -11.62 6.57
N GLY A 146 2.49 -10.41 6.82
CA GLY A 146 2.47 -9.92 8.20
C GLY A 146 1.66 -10.80 9.12
N ALA A 147 0.62 -11.45 8.59
CA ALA A 147 -0.27 -12.26 9.39
C ALA A 147 0.19 -13.71 9.51
N ILE A 148 0.75 -14.29 8.43
CA ILE A 148 1.08 -15.71 8.38
C ILE A 148 2.57 -15.96 8.28
N GLY A 149 3.41 -14.94 8.14
CA GLY A 149 4.82 -15.14 7.92
C GLY A 149 5.17 -15.49 6.48
N GLN A 150 6.47 -15.48 6.21
CA GLN A 150 7.08 -15.79 4.92
C GLN A 150 8.51 -16.22 5.20
N ALA A 151 9.02 -17.13 4.37
CA ALA A 151 10.41 -17.51 4.51
C ALA A 151 11.36 -16.47 3.92
N GLN A 152 12.58 -16.46 4.47
CA GLN A 152 13.67 -15.59 4.00
C GLN A 152 13.23 -14.12 3.92
N ALA A 153 12.50 -13.64 4.93
CA ALA A 153 11.99 -12.27 4.87
C ALA A 153 11.72 -11.69 6.26
N VAL A 154 12.60 -11.94 7.22
CA VAL A 154 12.31 -11.55 8.60
C VAL A 154 12.06 -10.05 8.70
N PRO A 155 12.91 -9.18 8.15
CA PRO A 155 12.64 -7.74 8.27
C PRO A 155 11.34 -7.32 7.58
N TYR A 156 11.06 -7.83 6.39
CA TYR A 156 9.86 -7.43 5.65
C TYR A 156 8.61 -7.81 6.42
N VAL A 157 8.54 -9.08 6.85
CA VAL A 157 7.40 -9.57 7.64
C VAL A 157 7.19 -8.70 8.88
N ALA A 158 8.28 -8.45 9.62
CA ALA A 158 8.20 -7.58 10.79
C ALA A 158 7.57 -6.24 10.45
N THR A 159 7.98 -5.62 9.33
CA THR A 159 7.42 -4.29 9.04
C THR A 159 5.92 -4.35 8.76
N LYS A 160 5.45 -5.42 8.12
CA LYS A 160 4.05 -5.50 7.75
C LYS A 160 3.20 -5.92 8.96
N GLY A 161 3.70 -6.78 9.86
CA GLY A 161 3.03 -6.95 11.14
C GLY A 161 2.82 -5.62 11.86
N ALA A 162 3.83 -4.75 11.82
CA ALA A 162 3.72 -3.44 12.44
C ALA A 162 2.64 -2.58 11.80
N VAL A 163 2.56 -2.57 10.47
CA VAL A 163 1.57 -1.72 9.81
C VAL A 163 0.17 -2.17 10.16
N THR A 164 -0.08 -3.49 10.14
CA THR A 164 -1.41 -3.99 10.41
C THR A 164 -1.79 -3.65 11.85
N ALA A 165 -0.86 -3.82 12.78
CA ALA A 165 -1.14 -3.51 14.19
C ALA A 165 -1.39 -2.03 14.39
N MET A 166 -0.50 -1.21 13.82
CA MET A 166 -0.65 0.24 13.88
C MET A 166 -2.00 0.71 13.36
N THR A 167 -2.49 0.10 12.26
CA THR A 167 -3.80 0.44 11.70
C THR A 167 -4.89 0.32 12.75
N LYS A 168 -4.83 -0.75 13.56
CA LYS A 168 -5.85 -0.96 14.58
C LYS A 168 -5.73 0.05 15.70
N ALA A 169 -4.50 0.31 16.18
CA ALA A 169 -4.28 1.33 17.20
C ALA A 169 -4.81 2.70 16.76
N LEU A 170 -4.46 3.13 15.55
CA LEU A 170 -4.88 4.43 15.08
C LEU A 170 -6.38 4.50 14.85
N ALA A 171 -6.98 3.40 14.41
CA ALA A 171 -8.43 3.34 14.29
C ALA A 171 -9.10 3.65 15.61
N LEU A 172 -8.56 3.10 16.72
CA LEU A 172 -9.13 3.39 18.02
C LEU A 172 -8.99 4.85 18.36
N ASP A 173 -7.81 5.41 18.13
CA ASP A 173 -7.54 6.79 18.53
C ASP A 173 -8.37 7.77 17.71
N GLU A 174 -8.64 7.45 16.44
CA GLU A 174 -9.27 8.43 15.56
C GLU A 174 -10.78 8.23 15.46
N SER A 175 -11.31 7.15 15.99
CA SER A 175 -12.75 6.91 15.91
C SER A 175 -13.62 8.02 16.51
N PRO A 176 -13.27 8.64 17.64
CA PRO A 176 -14.11 9.73 18.17
C PRO A 176 -14.23 10.89 17.24
N TYR A 177 -13.32 11.00 16.27
CA TYR A 177 -13.26 12.15 15.38
C TYR A 177 -13.80 11.79 14.02
N GLY A 178 -14.33 10.58 13.85
CA GLY A 178 -14.99 10.23 12.60
C GLY A 178 -14.05 9.83 11.49
N VAL A 179 -12.77 9.64 11.78
CA VAL A 179 -11.79 9.24 10.78
C VAL A 179 -11.57 7.74 10.91
N ARG A 180 -11.90 6.99 9.84
CA ARG A 180 -11.66 5.56 9.78
C ARG A 180 -10.25 5.28 9.28
N VAL A 181 -9.68 4.17 9.75
CA VAL A 181 -8.31 3.74 9.47
C VAL A 181 -8.34 2.24 9.21
N ASN A 182 -8.04 1.82 7.98
CA ASN A 182 -8.12 0.41 7.59
C ASN A 182 -6.88 0.04 6.81
N CYS A 183 -6.65 -1.27 6.65
CA CYS A 183 -5.57 -1.74 5.80
C CYS A 183 -6.07 -2.80 4.83
N ILE A 184 -5.34 -2.91 3.73
CA ILE A 184 -5.47 -3.99 2.78
C ILE A 184 -4.21 -4.86 2.88
N SER A 185 -4.41 -6.18 2.96
CA SER A 185 -3.29 -7.13 2.97
C SER A 185 -3.31 -7.95 1.68
N PRO A 186 -2.60 -7.52 0.64
CA PRO A 186 -2.55 -8.32 -0.59
C PRO A 186 -1.67 -9.53 -0.37
N GLY A 187 -1.93 -10.52 -1.20
CA GLY A 187 -1.04 -11.64 -1.43
C GLY A 187 -0.21 -11.38 -2.66
N ASN A 188 0.10 -12.43 -3.41
CA ASN A 188 0.90 -12.28 -4.62
C ASN A 188 0.15 -11.46 -5.66
N ILE A 189 0.63 -10.25 -5.94
CA ILE A 189 0.09 -9.38 -6.97
C ILE A 189 1.17 -9.18 -8.04
N TRP A 190 0.82 -9.44 -9.29
CA TRP A 190 1.77 -9.27 -10.39
C TRP A 190 2.06 -7.79 -10.62
N THR A 191 3.29 -7.39 -10.29
CA THR A 191 3.77 -6.02 -10.32
C THR A 191 5.23 -6.00 -10.77
N PRO A 192 5.78 -4.81 -11.05
CA PRO A 192 7.20 -4.74 -11.41
C PRO A 192 8.13 -5.26 -10.32
N LEU A 193 7.76 -5.08 -9.05
CA LEU A 193 8.55 -5.67 -7.97
C LEU A 193 8.52 -7.19 -8.04
N TRP A 194 7.35 -7.78 -8.24
CA TRP A 194 7.30 -9.25 -8.36
C TRP A 194 8.17 -9.71 -9.52
N GLU A 195 8.14 -8.98 -10.62
CA GLU A 195 8.93 -9.33 -11.80
C GLU A 195 10.42 -9.19 -11.53
N GLU A 196 10.82 -8.09 -10.85
CA GLU A 196 12.24 -7.88 -10.53
C GLU A 196 12.79 -8.98 -9.61
N LEU A 197 12.07 -9.29 -8.53
CA LEU A 197 12.54 -10.34 -7.62
C LEU A 197 12.61 -11.69 -8.32
N ALA A 198 11.62 -12.02 -9.15
CA ALA A 198 11.67 -13.32 -9.83
C ALA A 198 12.89 -13.40 -10.71
N ALA A 199 13.30 -12.28 -11.32
CA ALA A 199 14.43 -12.28 -12.25
C ALA A 199 15.75 -12.59 -11.56
N LEU A 200 15.84 -12.36 -10.26
CA LEU A 200 17.04 -12.69 -9.49
C LEU A 200 17.16 -14.17 -9.21
N MET A 201 16.05 -14.90 -9.18
CA MET A 201 16.08 -16.30 -8.81
C MET A 201 16.75 -17.13 -9.91
N PRO A 202 17.38 -18.24 -9.52
CA PRO A 202 18.03 -19.10 -10.52
C PRO A 202 17.10 -19.55 -11.64
N ASP A 203 15.86 -19.92 -11.30
CA ASP A 203 14.83 -20.25 -12.30
C ASP A 203 13.70 -19.26 -12.11
N PRO A 204 13.68 -18.15 -12.85
CA PRO A 204 12.58 -17.18 -12.70
C PRO A 204 11.21 -17.74 -13.06
N ARG A 205 11.16 -18.60 -14.07
CA ARG A 205 9.88 -19.14 -14.51
C ARG A 205 9.30 -20.10 -13.47
N ALA A 206 10.15 -20.91 -12.85
CA ALA A 206 9.69 -21.74 -11.73
C ALA A 206 9.19 -20.89 -10.57
N THR A 207 9.86 -19.77 -10.31
CA THR A 207 9.47 -18.89 -9.21
C THR A 207 8.08 -18.31 -9.48
N ILE A 208 7.85 -17.84 -10.70
CA ILE A 208 6.54 -17.29 -11.06
C ILE A 208 5.47 -18.39 -11.03
N ARG A 209 5.80 -19.58 -11.53
CA ARG A 209 4.83 -20.67 -11.50
C ARG A 209 4.46 -21.02 -10.06
N GLU A 210 5.46 -21.14 -9.17
CA GLU A 210 5.16 -21.37 -7.77
C GLU A 210 4.26 -20.25 -7.23
N GLY A 211 4.51 -19.02 -7.66
CA GLY A 211 3.75 -17.89 -7.13
C GLY A 211 2.30 -17.89 -7.56
N MET A 212 2.02 -18.25 -8.82
CA MET A 212 0.64 -18.41 -9.26
C MET A 212 -0.07 -19.53 -8.51
N LEU A 213 0.63 -20.64 -8.26
CA LEU A 213 -0.02 -21.79 -7.68
C LEU A 213 -0.14 -21.74 -6.17
N ALA A 214 0.43 -20.71 -5.52
CA ALA A 214 0.26 -20.58 -4.08
C ALA A 214 -1.13 -20.15 -3.69
N GLN A 215 -1.95 -19.73 -4.66
CA GLN A 215 -3.34 -19.33 -4.46
C GLN A 215 -4.29 -20.41 -4.96
N PRO A 216 -5.33 -20.74 -4.18
CA PRO A 216 -6.37 -21.62 -4.72
C PRO A 216 -6.96 -21.16 -6.05
N LEU A 217 -7.08 -19.84 -6.28
CA LEU A 217 -7.56 -19.36 -7.57
C LEU A 217 -6.59 -19.63 -8.71
N GLY A 218 -5.34 -19.98 -8.42
CA GLY A 218 -4.42 -20.43 -9.46
C GLY A 218 -3.78 -19.34 -10.31
N ARG A 219 -3.95 -18.07 -9.93
CA ARG A 219 -3.31 -16.95 -10.59
C ARG A 219 -2.87 -15.98 -9.52
N MET A 220 -2.03 -15.04 -9.91
CA MET A 220 -1.73 -13.89 -9.05
C MET A 220 -2.82 -12.83 -9.21
N GLY A 221 -2.86 -11.91 -8.27
CA GLY A 221 -3.80 -10.81 -8.34
C GLY A 221 -3.28 -9.66 -9.19
N GLN A 222 -4.18 -8.70 -9.49
CA GLN A 222 -3.87 -7.55 -10.32
C GLN A 222 -3.92 -6.27 -9.50
N PRO A 223 -3.07 -5.28 -9.81
CA PRO A 223 -3.24 -3.96 -9.17
C PRO A 223 -4.67 -3.43 -9.18
N ALA A 224 -5.43 -3.63 -10.27
CA ALA A 224 -6.80 -3.12 -10.34
C ALA A 224 -7.70 -3.72 -9.26
N GLU A 225 -7.41 -4.96 -8.84
CA GLU A 225 -8.20 -5.60 -7.80
C GLU A 225 -7.89 -5.01 -6.42
N VAL A 226 -6.64 -4.67 -6.17
CA VAL A 226 -6.33 -3.94 -4.95
C VAL A 226 -6.96 -2.56 -5.01
N GLY A 227 -6.91 -1.91 -6.18
CA GLY A 227 -7.53 -0.60 -6.31
C GLY A 227 -9.02 -0.61 -6.00
N ALA A 228 -9.73 -1.66 -6.43
CA ALA A 228 -11.17 -1.72 -6.15
C ALA A 228 -11.44 -1.84 -4.67
N ALA A 229 -10.61 -2.63 -3.98
CA ALA A 229 -10.78 -2.78 -2.55
C ALA A 229 -10.53 -1.46 -1.86
N ALA A 230 -9.55 -0.69 -2.34
CA ALA A 230 -9.29 0.62 -1.73
C ALA A 230 -10.46 1.57 -1.94
N VAL A 231 -11.06 1.60 -3.14
CA VAL A 231 -12.19 2.48 -3.38
C VAL A 231 -13.36 2.08 -2.50
N PHE A 232 -13.62 0.77 -2.35
CA PHE A 232 -14.62 0.31 -1.40
C PHE A 232 -14.37 0.86 -0.01
N LEU A 233 -13.16 0.69 0.51
CA LEU A 233 -12.87 1.13 1.87
C LEU A 233 -13.05 2.64 2.02
N ALA A 234 -12.69 3.41 1.00
CA ALA A 234 -12.83 4.87 1.08
C ALA A 234 -14.28 5.29 1.02
N SER A 235 -15.03 4.70 0.09
CA SER A 235 -16.28 5.30 -0.36
C SER A 235 -17.54 4.62 0.16
N GLU A 236 -17.48 3.33 0.52
CA GLU A 236 -18.67 2.58 0.89
C GLU A 236 -18.57 1.83 2.21
N ALA A 237 -17.45 1.86 2.90
CA ALA A 237 -17.26 1.02 4.09
C ALA A 237 -17.39 1.86 5.37
N ASN A 238 -18.53 2.54 5.51
CA ASN A 238 -18.60 3.59 6.52
C ASN A 238 -18.72 3.06 7.94
N PHE A 239 -18.97 1.77 8.11
CA PHE A 239 -18.97 1.12 9.42
C PHE A 239 -17.73 0.21 9.59
N CYS A 240 -16.72 0.31 8.72
CA CYS A 240 -15.46 -0.43 8.84
C CYS A 240 -14.35 0.47 9.33
N THR A 241 -13.75 0.12 10.45
CA THR A 241 -12.53 0.78 10.90
C THR A 241 -11.69 -0.26 11.62
N GLY A 242 -10.37 -0.17 11.43
CA GLY A 242 -9.43 -1.12 11.97
C GLY A 242 -9.49 -2.50 11.35
N ILE A 243 -10.05 -2.66 10.12
CA ILE A 243 -10.10 -3.99 9.51
C ILE A 243 -8.87 -4.21 8.65
N GLU A 244 -8.58 -5.49 8.42
CA GLU A 244 -7.55 -5.96 7.52
C GLU A 244 -8.27 -6.71 6.38
N LEU A 245 -8.35 -6.07 5.22
CA LEU A 245 -9.06 -6.63 4.08
C LEU A 245 -8.09 -7.46 3.23
N LEU A 246 -8.32 -8.77 3.15
CA LEU A 246 -7.40 -9.68 2.49
C LEU A 246 -7.72 -9.76 1.00
N VAL A 247 -6.70 -9.53 0.16
CA VAL A 247 -6.83 -9.59 -1.30
C VAL A 247 -5.72 -10.54 -1.76
N THR A 248 -5.97 -11.85 -1.58
CA THR A 248 -4.92 -12.86 -1.61
C THR A 248 -5.23 -14.06 -2.50
N GLY A 249 -6.42 -14.15 -3.08
CA GLY A 249 -6.75 -15.35 -3.86
C GLY A 249 -6.89 -16.62 -3.03
N GLY A 250 -7.03 -16.49 -1.72
CA GLY A 250 -7.18 -17.63 -0.81
C GLY A 250 -5.89 -18.28 -0.34
N ALA A 251 -4.75 -17.61 -0.47
CA ALA A 251 -3.44 -18.22 -0.17
C ALA A 251 -3.34 -18.69 1.28
N GLU A 252 -4.04 -18.04 2.20
CA GLU A 252 -3.95 -18.35 3.62
C GLU A 252 -4.79 -19.55 4.02
N LEU A 253 -5.64 -20.07 3.11
CA LEU A 253 -6.55 -21.17 3.38
C LEU A 253 -5.88 -22.51 3.17
N GLY A 254 -6.18 -23.45 4.05
CA GLY A 254 -5.82 -24.84 3.84
C GLY A 254 -4.35 -25.12 4.04
N TYR A 255 -4.02 -26.39 3.83
CA TYR A 255 -2.69 -27.00 3.90
C TYR A 255 -2.00 -26.95 2.55
N GLY A 256 -0.68 -26.79 2.60
CA GLY A 256 0.09 -26.77 1.38
C GLY A 256 1.43 -27.46 1.56
N CYS A 257 2.40 -27.10 0.72
CA CYS A 257 3.76 -27.63 0.83
C CYS A 257 4.58 -26.63 1.63
N LYS A 258 4.90 -26.97 2.88
CA LYS A 258 5.66 -26.07 3.74
C LYS A 258 6.97 -26.72 4.19
N PRO A 271 6.61 -41.39 10.86
CA PRO A 271 6.02 -40.18 10.25
C PRO A 271 5.86 -39.06 11.28
N SER A 272 5.80 -39.44 12.55
CA SER A 272 5.70 -38.51 13.67
C SER A 272 7.00 -38.39 14.46
N GLY A 273 8.11 -38.88 13.91
CA GLY A 273 9.40 -38.87 14.59
C GLY A 273 10.38 -37.81 14.14
#